data_6RB0
#
_entry.id   6RB0
#
_cell.length_a   83.077
_cell.length_b   86.090
_cell.length_c   97.611
_cell.angle_alpha   90.00
_cell.angle_beta   90.00
_cell.angle_gamma   90.00
#
_symmetry.space_group_name_H-M   'P 21 21 21'
#
loop_
_entity.id
_entity.type
_entity.pdbx_description
1 polymer EH1AB1
2 non-polymer GLYCEROL
3 non-polymer 'methyl hydrogen (R)-hexylphosphonate'
4 water water
#
_entity_poly.entity_id   1
_entity_poly.type   'polypeptide(L)'
_entity_poly.pdbx_seq_one_letter_code
;MAHHHHHHVDDDDKMLLPETRNLLDLMDAATRGGRPGLDTLPHAVGRKAVDKMSEDGEADPPEVAEVANGGFAGPASEIR
FRRYRPLGEAAGLLPTLIYYHGGGFVIGNIETHDSTCRRLANKSRCQVISIDYRLAPEHPFPAPIDDGIAAFRHIRDNAE
SFGADAARLAVGGDSAGGAMAAVVCQACRDAGETGPAFQMLIYPATDSSRESASRVAFAEGYFLSKAHMDWFWEAYVPED
TDLTDLRLSPLLATDFTGLPPAFVLTAGYDPLRDEGRAYADRLIEAGIKTTYVNYPGTIHGFFSLTRFLSQGLKANDEAA
AVMGAHFGT
;
_entity_poly.pdbx_strand_id   A,B
#
# COMPACT_ATOMS: atom_id res chain seq x y z
N MET A 15 12.15 7.92 -16.98
CA MET A 15 12.41 6.54 -17.45
C MET A 15 12.97 5.72 -16.28
N LEU A 16 13.99 4.89 -16.57
CA LEU A 16 14.68 4.02 -15.60
C LEU A 16 15.38 4.90 -14.57
N LEU A 17 15.38 4.49 -13.30
CA LEU A 17 16.21 5.13 -12.25
C LEU A 17 17.69 4.90 -12.57
N PRO A 18 18.59 5.83 -12.19
CA PRO A 18 20.03 5.59 -12.30
C PRO A 18 20.51 4.20 -11.84
N GLU A 19 20.11 3.76 -10.63
CA GLU A 19 20.53 2.46 -10.04
C GLU A 19 20.17 1.34 -11.03
N THR A 20 19.02 1.47 -11.68
CA THR A 20 18.48 0.44 -12.60
C THR A 20 19.33 0.43 -13.87
N ARG A 21 19.63 1.61 -14.41
CA ARG A 21 20.47 1.75 -15.63
C ARG A 21 21.84 1.14 -15.32
N ASN A 22 22.42 1.47 -14.15
CA ASN A 22 23.73 0.93 -13.70
C ASN A 22 23.69 -0.59 -13.80
N LEU A 23 22.63 -1.23 -13.32
CA LEU A 23 22.58 -2.71 -13.28
C LEU A 23 22.42 -3.26 -14.71
N LEU A 24 21.52 -2.67 -15.52
CA LEU A 24 21.33 -3.12 -16.93
C LEU A 24 22.62 -2.95 -17.71
N ASP A 25 23.45 -1.96 -17.35
CA ASP A 25 24.76 -1.70 -18.01
C ASP A 25 25.73 -2.82 -17.66
N LEU A 26 25.86 -3.17 -16.38
CA LEU A 26 26.68 -4.33 -15.90
C LEU A 26 26.28 -5.59 -16.68
N MET A 27 24.98 -5.87 -16.77
CA MET A 27 24.48 -7.09 -17.45
C MET A 27 24.88 -7.04 -18.93
N ASP A 28 24.77 -5.87 -19.57
CA ASP A 28 25.14 -5.67 -20.99
C ASP A 28 26.66 -5.83 -21.16
N ALA A 29 27.47 -5.43 -20.17
CA ALA A 29 28.95 -5.57 -20.15
C ALA A 29 29.34 -7.05 -20.07
N ALA A 30 28.60 -7.85 -19.31
CA ALA A 30 28.82 -9.31 -19.19
C ALA A 30 28.50 -9.97 -20.53
N THR A 31 27.46 -9.53 -21.25
CA THR A 31 27.03 -10.13 -22.55
C THR A 31 28.09 -9.86 -23.64
N ARG A 32 28.52 -8.61 -23.79
CA ARG A 32 29.66 -8.20 -24.65
C ARG A 32 30.97 -8.86 -24.17
N GLY A 33 31.14 -9.06 -22.85
CA GLY A 33 32.25 -9.82 -22.25
C GLY A 33 32.14 -11.34 -22.49
N GLY A 34 31.17 -11.77 -23.30
CA GLY A 34 31.05 -13.16 -23.79
C GLY A 34 30.37 -14.12 -22.81
N ARG A 35 29.78 -13.64 -21.70
CA ARG A 35 29.00 -14.50 -20.74
C ARG A 35 27.70 -14.94 -21.39
N PRO A 36 27.40 -16.26 -21.46
CA PRO A 36 26.30 -16.75 -22.29
C PRO A 36 24.92 -16.26 -21.83
N GLY A 37 23.99 -16.11 -22.77
CA GLY A 37 22.55 -15.95 -22.48
C GLY A 37 22.03 -17.14 -21.68
N LEU A 38 21.20 -16.90 -20.67
CA LEU A 38 20.59 -17.96 -19.82
C LEU A 38 19.81 -18.93 -20.71
N ASP A 39 19.17 -18.42 -21.77
CA ASP A 39 18.23 -19.14 -22.65
C ASP A 39 18.97 -20.08 -23.63
N THR A 40 20.30 -20.14 -23.56
CA THR A 40 21.18 -20.96 -24.45
C THR A 40 21.72 -22.19 -23.71
N LEU A 41 21.37 -22.41 -22.44
CA LEU A 41 22.00 -23.46 -21.59
C LEU A 41 20.98 -24.54 -21.24
N PRO A 42 21.41 -25.77 -20.89
CA PRO A 42 20.52 -26.75 -20.27
C PRO A 42 19.97 -26.17 -18.95
N HIS A 43 18.73 -26.50 -18.59
CA HIS A 43 18.03 -25.91 -17.42
C HIS A 43 18.83 -26.15 -16.14
N ALA A 44 19.32 -27.36 -15.90
CA ALA A 44 20.08 -27.69 -14.67
C ALA A 44 21.40 -26.91 -14.63
N VAL A 45 22.02 -26.62 -15.77
CA VAL A 45 23.29 -25.82 -15.87
C VAL A 45 22.98 -24.35 -15.55
N GLY A 46 22.00 -23.77 -16.26
CA GLY A 46 21.51 -22.40 -16.02
C GLY A 46 21.12 -22.18 -14.56
N ARG A 47 20.43 -23.14 -13.96
CA ARG A 47 19.99 -23.07 -12.54
C ARG A 47 21.19 -22.80 -11.64
N LYS A 48 22.26 -23.57 -11.80
CA LYS A 48 23.44 -23.55 -10.88
C LYS A 48 24.05 -22.15 -10.92
N ALA A 49 24.22 -21.62 -12.13
CA ALA A 49 24.92 -20.34 -12.41
C ALA A 49 24.06 -19.18 -11.93
N VAL A 50 22.78 -19.15 -12.31
CA VAL A 50 21.87 -18.02 -12.00
C VAL A 50 21.54 -18.07 -10.50
N ASP A 51 21.44 -19.26 -9.88
CA ASP A 51 21.16 -19.35 -8.43
C ASP A 51 22.29 -18.66 -7.65
N LYS A 52 23.55 -18.83 -8.06
CA LYS A 52 24.72 -18.20 -7.38
C LYS A 52 24.63 -16.69 -7.52
N MET A 53 24.29 -16.20 -8.72
CA MET A 53 24.12 -14.75 -9.00
C MET A 53 22.97 -14.19 -8.15
N SER A 54 21.86 -14.93 -8.01
CA SER A 54 20.71 -14.51 -7.17
C SER A 54 21.16 -14.42 -5.71
N GLU A 55 21.81 -15.45 -5.18
CA GLU A 55 22.35 -15.42 -3.79
C GLU A 55 23.20 -14.17 -3.63
N ASP A 56 24.12 -13.94 -4.57
CA ASP A 56 25.10 -12.83 -4.52
C ASP A 56 24.39 -11.48 -4.73
N GLY A 57 23.22 -11.47 -5.40
CA GLY A 57 22.50 -10.23 -5.78
C GLY A 57 21.64 -9.68 -4.67
N GLU A 58 21.39 -10.46 -3.62
CA GLU A 58 20.62 -10.03 -2.43
C GLU A 58 21.50 -9.10 -1.58
N ALA A 59 20.89 -8.15 -0.86
CA ALA A 59 21.57 -7.38 0.21
C ALA A 59 22.06 -8.37 1.28
N ASP A 60 23.02 -7.94 2.11
CA ASP A 60 23.58 -8.77 3.21
C ASP A 60 22.44 -9.21 4.12
N PRO A 61 22.41 -10.49 4.57
CA PRO A 61 21.30 -10.98 5.38
C PRO A 61 21.25 -10.32 6.75
N PRO A 62 20.14 -9.63 7.11
CA PRO A 62 19.98 -9.12 8.47
C PRO A 62 19.85 -10.25 9.49
N GLU A 63 20.32 -10.04 10.72
CA GLU A 63 20.04 -10.96 11.85
C GLU A 63 18.53 -10.96 12.09
N VAL A 64 18.00 -12.14 12.38
CA VAL A 64 16.63 -12.38 12.88
C VAL A 64 16.78 -13.05 14.24
N ALA A 65 15.66 -13.27 14.94
CA ALA A 65 15.63 -13.85 16.30
C ALA A 65 16.07 -15.32 16.22
N GLU A 66 15.67 -16.00 15.15
CA GLU A 66 15.81 -17.47 15.02
C GLU A 66 15.52 -17.90 13.59
N VAL A 67 16.35 -18.80 13.06
CA VAL A 67 16.12 -19.46 11.74
C VAL A 67 16.00 -20.96 11.99
N ALA A 68 14.95 -21.57 11.47
CA ALA A 68 14.65 -23.01 11.61
C ALA A 68 14.59 -23.67 10.23
N ASN A 69 15.25 -24.82 10.09
CA ASN A 69 15.26 -25.65 8.87
C ASN A 69 14.58 -26.98 9.19
N GLY A 70 13.71 -27.40 8.30
CA GLY A 70 13.03 -28.70 8.38
C GLY A 70 12.40 -29.07 7.05
N GLY A 71 11.71 -30.20 7.05
CA GLY A 71 10.95 -30.67 5.89
C GLY A 71 9.72 -31.38 6.39
N PHE A 72 8.70 -31.46 5.56
CA PHE A 72 7.51 -32.30 5.82
C PHE A 72 7.16 -33.04 4.54
N ALA A 73 6.34 -34.07 4.70
CA ALA A 73 5.88 -34.94 3.59
C ALA A 73 4.97 -34.10 2.69
N GLY A 74 5.42 -33.84 1.46
CA GLY A 74 4.56 -33.24 0.43
C GLY A 74 3.83 -34.32 -0.36
N PRO A 75 3.04 -33.92 -1.38
CA PRO A 75 2.30 -34.85 -2.22
C PRO A 75 3.19 -35.99 -2.74
N ALA A 76 4.38 -35.66 -3.25
CA ALA A 76 5.22 -36.56 -4.05
C ALA A 76 6.69 -36.55 -3.61
N SER A 77 7.01 -35.85 -2.51
CA SER A 77 8.41 -35.64 -2.07
C SER A 77 8.41 -34.95 -0.71
N GLU A 78 9.59 -34.83 -0.10
CA GLU A 78 9.78 -33.98 1.09
C GLU A 78 9.86 -32.51 0.63
N ILE A 79 9.04 -31.64 1.22
CA ILE A 79 9.10 -30.18 0.97
C ILE A 79 9.96 -29.59 2.10
N ARG A 80 11.12 -29.03 1.77
CA ARG A 80 11.99 -28.31 2.74
C ARG A 80 11.34 -26.96 3.03
N PHE A 81 11.48 -26.47 4.26
CA PHE A 81 11.05 -25.10 4.66
C PHE A 81 12.13 -24.47 5.53
N ARG A 82 12.13 -23.14 5.55
CA ARG A 82 12.95 -22.34 6.47
C ARG A 82 12.05 -21.31 7.14
N ARG A 83 12.03 -21.32 8.47
CA ARG A 83 11.24 -20.39 9.30
C ARG A 83 12.17 -19.29 9.81
N TYR A 84 11.71 -18.06 9.71
CA TYR A 84 12.45 -16.86 10.18
C TYR A 84 11.58 -16.20 11.25
N ARG A 85 12.10 -16.17 12.47
CA ARG A 85 11.45 -15.53 13.64
C ARG A 85 11.93 -14.08 13.70
N PRO A 86 11.04 -13.07 13.65
CA PRO A 86 11.47 -11.66 13.63
C PRO A 86 12.07 -11.21 14.96
N LEU A 87 13.13 -10.37 14.91
CA LEU A 87 13.71 -9.67 16.09
C LEU A 87 12.59 -8.99 16.87
N GLY A 88 12.61 -9.14 18.20
CA GLY A 88 11.83 -8.34 19.17
C GLY A 88 10.44 -8.88 19.39
N GLU A 89 10.05 -9.99 18.75
CA GLU A 89 8.72 -10.63 18.93
C GLU A 89 8.90 -11.87 19.82
N ALA A 90 8.15 -11.95 20.93
CA ALA A 90 8.32 -12.97 21.99
C ALA A 90 7.16 -13.97 21.99
N ALA A 91 6.00 -13.65 21.41
CA ALA A 91 4.79 -14.52 21.38
C ALA A 91 5.13 -15.88 20.75
N GLY A 92 4.58 -16.97 21.28
CA GLY A 92 4.78 -18.32 20.72
C GLY A 92 4.20 -18.43 19.33
N LEU A 93 2.92 -18.06 19.18
CA LEU A 93 2.19 -18.14 17.90
C LEU A 93 2.22 -16.76 17.24
N LEU A 94 2.88 -16.67 16.09
CA LEU A 94 3.08 -15.40 15.35
C LEU A 94 2.24 -15.40 14.09
N PRO A 95 1.77 -14.21 13.67
CA PRO A 95 1.23 -14.04 12.33
C PRO A 95 2.37 -14.48 11.41
N THR A 96 2.03 -15.19 10.34
CA THR A 96 3.01 -15.95 9.54
C THR A 96 2.75 -15.74 8.05
N LEU A 97 3.80 -15.42 7.30
CA LEU A 97 3.79 -15.38 5.83
C LEU A 97 4.47 -16.65 5.32
N ILE A 98 3.73 -17.45 4.57
CA ILE A 98 4.30 -18.58 3.78
C ILE A 98 4.76 -18.00 2.44
N TYR A 99 6.07 -18.03 2.21
CA TYR A 99 6.73 -17.33 1.08
C TYR A 99 7.17 -18.35 0.04
N TYR A 100 6.84 -18.07 -1.21
CA TYR A 100 7.25 -18.86 -2.39
C TYR A 100 8.19 -18.01 -3.26
N HIS A 101 9.46 -18.39 -3.30
CA HIS A 101 10.50 -17.73 -4.13
C HIS A 101 10.08 -17.72 -5.61
N GLY A 102 10.56 -16.73 -6.36
CA GLY A 102 10.43 -16.70 -7.83
C GLY A 102 11.54 -17.47 -8.51
N GLY A 103 11.50 -17.49 -9.85
CA GLY A 103 12.46 -18.17 -10.73
C GLY A 103 11.78 -19.01 -11.80
N GLY A 104 10.62 -18.55 -12.28
CA GLY A 104 9.90 -19.11 -13.44
C GLY A 104 9.52 -20.57 -13.23
N PHE A 105 9.50 -21.02 -11.97
CA PHE A 105 9.22 -22.43 -11.58
C PHE A 105 10.39 -23.32 -11.98
N VAL A 106 11.55 -22.73 -12.28
CA VAL A 106 12.74 -23.49 -12.76
C VAL A 106 13.92 -23.25 -11.82
N ILE A 107 14.16 -21.99 -11.44
CA ILE A 107 15.34 -21.59 -10.62
C ILE A 107 14.84 -20.97 -9.33
N GLY A 108 15.79 -20.57 -8.48
CA GLY A 108 15.53 -20.07 -7.13
C GLY A 108 15.38 -21.21 -6.15
N ASN A 109 15.49 -20.89 -4.87
CA ASN A 109 15.30 -21.83 -3.74
C ASN A 109 15.28 -20.98 -2.48
N ILE A 110 15.34 -21.60 -1.31
CA ILE A 110 15.30 -20.88 -0.01
C ILE A 110 16.52 -19.96 0.05
N GLU A 111 17.68 -20.43 -0.44
CA GLU A 111 18.97 -19.70 -0.35
C GLU A 111 18.94 -18.42 -1.20
N THR A 112 18.26 -18.41 -2.35
CA THR A 112 18.28 -17.22 -3.25
C THR A 112 17.44 -16.08 -2.66
N HIS A 113 16.53 -16.35 -1.74
CA HIS A 113 15.55 -15.36 -1.21
C HIS A 113 15.71 -15.21 0.31
N ASP A 114 16.79 -15.75 0.86
CA ASP A 114 17.04 -15.81 2.33
C ASP A 114 17.14 -14.39 2.93
N SER A 115 17.97 -13.49 2.36
CA SER A 115 18.11 -12.11 2.89
C SER A 115 16.77 -11.40 2.84
N THR A 116 16.01 -11.60 1.76
CA THR A 116 14.71 -10.93 1.54
C THR A 116 13.71 -11.40 2.59
N CYS A 117 13.63 -12.71 2.82
CA CYS A 117 12.73 -13.31 3.83
C CYS A 117 13.10 -12.83 5.22
N ARG A 118 14.40 -12.72 5.52
CA ARG A 118 14.89 -12.19 6.82
C ARG A 118 14.38 -10.75 6.99
N ARG A 119 14.55 -9.91 5.95
CA ARG A 119 14.13 -8.50 6.01
C ARG A 119 12.60 -8.42 6.16
N LEU A 120 11.84 -9.22 5.39
CA LEU A 120 10.35 -9.24 5.45
C LEU A 120 9.93 -9.58 6.88
N ALA A 121 10.53 -10.60 7.47
CA ALA A 121 10.21 -11.06 8.84
C ALA A 121 10.42 -9.89 9.83
N ASN A 122 11.60 -9.28 9.82
CA ASN A 122 11.96 -8.18 10.75
C ASN A 122 11.05 -6.96 10.55
N LYS A 123 10.76 -6.59 9.30
CA LYS A 123 10.02 -5.32 9.04
C LYS A 123 8.53 -5.52 9.32
N SER A 124 8.01 -6.74 9.13
CA SER A 124 6.56 -7.05 9.31
C SER A 124 6.27 -7.40 10.77
N ARG A 125 7.28 -7.85 11.52
CA ARG A 125 7.16 -8.47 12.86
C ARG A 125 6.29 -9.73 12.74
N CYS A 126 6.28 -10.34 11.56
CA CYS A 126 5.63 -11.64 11.28
C CYS A 126 6.71 -12.71 11.07
N GLN A 127 6.37 -13.95 11.38
CA GLN A 127 7.18 -15.12 10.99
C GLN A 127 7.10 -15.26 9.47
N VAL A 128 8.21 -15.59 8.82
CA VAL A 128 8.22 -15.96 7.38
C VAL A 128 8.61 -17.44 7.29
N ILE A 129 7.90 -18.22 6.48
CA ILE A 129 8.25 -19.63 6.19
C ILE A 129 8.43 -19.74 4.69
N SER A 130 9.69 -19.86 4.28
CA SER A 130 10.10 -19.96 2.87
C SER A 130 10.01 -21.43 2.47
N ILE A 131 9.41 -21.71 1.31
CA ILE A 131 9.08 -23.08 0.86
C ILE A 131 9.99 -23.44 -0.31
N ASP A 132 10.56 -24.63 -0.26
CA ASP A 132 11.44 -25.19 -1.30
C ASP A 132 10.59 -26.18 -2.12
N TYR A 133 9.78 -25.63 -3.02
CA TYR A 133 8.82 -26.43 -3.84
C TYR A 133 9.61 -27.08 -4.98
N ARG A 134 9.06 -28.16 -5.53
CA ARG A 134 9.68 -28.89 -6.68
C ARG A 134 9.71 -27.96 -7.89
N LEU A 135 10.80 -28.06 -8.66
CA LEU A 135 11.07 -27.18 -9.81
C LEU A 135 11.02 -28.00 -11.12
N ALA A 136 10.57 -27.33 -12.18
CA ALA A 136 10.74 -27.76 -13.59
C ALA A 136 12.20 -27.57 -13.97
N PRO A 137 12.74 -28.26 -15.01
CA PRO A 137 11.99 -29.26 -15.78
C PRO A 137 11.85 -30.64 -15.17
N GLU A 138 12.51 -30.91 -14.03
CA GLU A 138 12.48 -32.26 -13.41
C GLU A 138 11.04 -32.56 -13.01
N HIS A 139 10.32 -31.56 -12.49
CA HIS A 139 8.92 -31.69 -12.01
C HIS A 139 8.09 -30.60 -12.70
N PRO A 140 7.56 -30.88 -13.90
CA PRO A 140 6.82 -29.86 -14.63
C PRO A 140 5.45 -29.59 -13.99
N PHE A 141 4.83 -28.51 -14.43
CA PHE A 141 3.39 -28.21 -14.18
C PHE A 141 2.61 -29.53 -14.19
N PRO A 142 1.72 -29.81 -13.20
CA PRO A 142 1.38 -28.89 -12.12
C PRO A 142 2.12 -29.08 -10.78
N ALA A 143 3.27 -29.78 -10.78
CA ALA A 143 3.98 -30.21 -9.55
C ALA A 143 4.33 -29.00 -8.66
N PRO A 144 4.95 -27.92 -9.20
CA PRO A 144 5.30 -26.77 -8.36
C PRO A 144 4.11 -26.19 -7.59
N ILE A 145 2.97 -26.02 -8.24
CA ILE A 145 1.74 -25.44 -7.61
C ILE A 145 1.20 -26.44 -6.58
N ASP A 146 1.18 -27.74 -6.93
CA ASP A 146 0.73 -28.80 -6.00
C ASP A 146 1.52 -28.68 -4.69
N ASP A 147 2.83 -28.47 -4.77
CA ASP A 147 3.72 -28.32 -3.57
C ASP A 147 3.35 -27.04 -2.82
N GLY A 148 3.18 -25.92 -3.53
CA GLY A 148 2.75 -24.66 -2.94
C GLY A 148 1.46 -24.85 -2.16
N ILE A 149 0.46 -25.47 -2.79
CA ILE A 149 -0.86 -25.70 -2.15
C ILE A 149 -0.66 -26.60 -0.93
N ALA A 150 0.10 -27.69 -1.06
CA ALA A 150 0.32 -28.68 0.01
C ALA A 150 1.07 -28.03 1.18
N ALA A 151 1.99 -27.09 0.91
CA ALA A 151 2.75 -26.38 1.97
C ALA A 151 1.77 -25.53 2.78
N PHE A 152 0.89 -24.80 2.11
CA PHE A 152 -0.12 -23.95 2.80
C PHE A 152 -1.04 -24.85 3.65
N ARG A 153 -1.55 -25.94 3.08
CA ARG A 153 -2.53 -26.81 3.79
C ARG A 153 -1.86 -27.46 5.02
N HIS A 154 -0.65 -27.96 4.84
CA HIS A 154 0.12 -28.60 5.93
C HIS A 154 0.36 -27.60 7.07
N ILE A 155 0.78 -26.39 6.74
CA ILE A 155 1.12 -25.38 7.79
C ILE A 155 -0.19 -24.91 8.42
N ARG A 156 -1.24 -24.71 7.61
CA ARG A 156 -2.55 -24.31 8.16
C ARG A 156 -2.99 -25.32 9.21
N ASP A 157 -2.96 -26.61 8.88
CA ASP A 157 -3.55 -27.70 9.70
C ASP A 157 -2.62 -28.04 10.88
N ASN A 158 -1.36 -27.61 10.84
CA ASN A 158 -0.35 -27.86 11.89
C ASN A 158 0.29 -26.55 12.34
N ALA A 159 -0.50 -25.48 12.42
CA ALA A 159 -0.03 -24.10 12.68
C ALA A 159 0.84 -24.04 13.94
N GLU A 160 0.38 -24.61 15.05
CA GLU A 160 1.12 -24.59 16.34
C GLU A 160 2.53 -25.19 16.17
N SER A 161 2.68 -26.23 15.33
CA SER A 161 4.01 -26.88 15.05
C SER A 161 4.99 -25.85 14.47
N PHE A 162 4.46 -24.91 13.70
CA PHE A 162 5.25 -23.92 12.92
C PHE A 162 5.33 -22.59 13.68
N GLY A 163 4.82 -22.53 14.92
CA GLY A 163 4.81 -21.29 15.72
C GLY A 163 3.95 -20.24 15.05
N ALA A 164 2.90 -20.69 14.36
CA ALA A 164 2.01 -19.85 13.53
C ALA A 164 0.64 -19.71 14.21
N ASP A 165 0.14 -18.48 14.23
CA ASP A 165 -1.27 -18.14 14.57
C ASP A 165 -2.10 -18.44 13.32
N ALA A 166 -2.92 -19.49 13.39
CA ALA A 166 -3.75 -20.02 12.27
C ALA A 166 -4.72 -18.96 11.76
N ALA A 167 -5.09 -18.00 12.61
CA ALA A 167 -5.99 -16.87 12.25
C ALA A 167 -5.23 -15.82 11.43
N ARG A 168 -3.89 -15.90 11.34
CA ARG A 168 -3.06 -14.87 10.66
C ARG A 168 -1.98 -15.57 9.83
N LEU A 169 -2.44 -16.34 8.86
CA LEU A 169 -1.61 -17.11 7.91
C LEU A 169 -1.72 -16.45 6.53
N ALA A 170 -0.63 -15.84 6.07
CA ALA A 170 -0.56 -15.23 4.73
C ALA A 170 0.21 -16.16 3.79
N VAL A 171 -0.01 -16.03 2.50
CA VAL A 171 0.87 -16.59 1.45
C VAL A 171 1.39 -15.43 0.61
N GLY A 172 2.56 -15.60 0.01
CA GLY A 172 3.12 -14.57 -0.87
C GLY A 172 4.30 -15.12 -1.62
N GLY A 173 4.78 -14.35 -2.59
CA GLY A 173 5.97 -14.70 -3.36
C GLY A 173 6.21 -13.66 -4.43
N ASP A 174 7.32 -13.81 -5.13
CA ASP A 174 7.73 -12.96 -6.27
C ASP A 174 7.68 -13.79 -7.56
N SER A 175 7.23 -13.15 -8.65
CA SER A 175 6.99 -13.79 -9.94
C SER A 175 6.20 -15.12 -9.93
N ALA A 176 6.86 -16.23 -10.29
CA ALA A 176 6.25 -17.54 -10.20
C ALA A 176 5.70 -17.75 -8.79
N GLY A 177 6.45 -17.30 -7.77
CA GLY A 177 6.04 -17.38 -6.36
C GLY A 177 4.78 -16.59 -6.10
N GLY A 178 4.63 -15.44 -6.76
CA GLY A 178 3.42 -14.58 -6.71
C GLY A 178 2.25 -15.28 -7.36
N ALA A 179 2.46 -15.82 -8.56
CA ALA A 179 1.49 -16.70 -9.25
C ALA A 179 1.06 -17.79 -8.28
N MET A 180 2.03 -18.46 -7.65
CA MET A 180 1.75 -19.60 -6.74
C MET A 180 0.83 -19.13 -5.62
N ALA A 181 1.13 -17.98 -5.00
CA ALA A 181 0.35 -17.43 -3.87
C ALA A 181 -1.07 -17.13 -4.33
N ALA A 182 -1.23 -16.50 -5.50
CA ALA A 182 -2.57 -16.19 -6.08
C ALA A 182 -3.34 -17.50 -6.27
N VAL A 183 -2.68 -18.51 -6.85
CA VAL A 183 -3.32 -19.81 -7.18
C VAL A 183 -3.67 -20.55 -5.89
N VAL A 184 -2.79 -20.53 -4.88
CA VAL A 184 -3.10 -21.18 -3.57
C VAL A 184 -4.41 -20.61 -3.04
N CYS A 185 -4.59 -19.28 -3.10
CA CYS A 185 -5.81 -18.61 -2.56
C CYS A 185 -7.05 -19.07 -3.34
N GLN A 186 -6.97 -19.05 -4.68
CA GLN A 186 -8.09 -19.51 -5.56
C GLN A 186 -8.40 -20.99 -5.27
N ALA A 187 -7.38 -21.83 -5.16
CA ALA A 187 -7.55 -23.29 -4.97
C ALA A 187 -8.34 -23.55 -3.68
N CYS A 188 -7.95 -22.90 -2.58
CA CYS A 188 -8.62 -23.02 -1.26
C CYS A 188 -10.06 -22.51 -1.36
N ARG A 189 -10.25 -21.36 -2.00
CA ARG A 189 -11.60 -20.77 -2.22
C ARG A 189 -12.46 -21.77 -3.01
N ASP A 190 -11.92 -22.35 -4.09
CA ASP A 190 -12.67 -23.22 -5.04
C ASP A 190 -13.00 -24.56 -4.38
N ALA A 191 -12.14 -25.06 -3.47
CA ALA A 191 -12.34 -26.34 -2.74
C ALA A 191 -13.26 -26.15 -1.53
N GLY A 192 -13.65 -24.90 -1.25
CA GLY A 192 -14.48 -24.53 -0.09
C GLY A 192 -13.80 -24.86 1.22
N GLU A 193 -12.48 -24.66 1.35
CA GLU A 193 -11.75 -24.83 2.64
C GLU A 193 -11.20 -23.48 3.11
N THR A 194 -10.70 -23.43 4.34
CA THR A 194 -10.07 -22.23 4.93
C THR A 194 -8.82 -21.90 4.12
N GLY A 195 -8.79 -20.71 3.52
CA GLY A 195 -7.65 -20.21 2.75
C GLY A 195 -6.80 -19.25 3.57
N PRO A 196 -5.76 -18.65 2.96
CA PRO A 196 -4.90 -17.71 3.65
C PRO A 196 -5.70 -16.45 4.07
N ALA A 197 -5.25 -15.81 5.13
CA ALA A 197 -5.84 -14.56 5.66
C ALA A 197 -5.38 -13.39 4.80
N PHE A 198 -4.33 -13.58 4.00
CA PHE A 198 -3.66 -12.48 3.27
C PHE A 198 -2.80 -13.05 2.15
N GLN A 199 -2.70 -12.30 1.05
CA GLN A 199 -1.88 -12.68 -0.12
C GLN A 199 -0.97 -11.50 -0.51
N MET A 200 0.34 -11.75 -0.54
CA MET A 200 1.36 -10.74 -0.91
C MET A 200 1.89 -11.10 -2.29
N LEU A 201 1.41 -10.45 -3.35
CA LEU A 201 1.78 -10.79 -4.74
C LEU A 201 2.82 -9.80 -5.27
N ILE A 202 4.08 -10.22 -5.33
CA ILE A 202 5.19 -9.36 -5.83
C ILE A 202 5.39 -9.66 -7.31
N TYR A 203 5.09 -8.68 -8.16
CA TYR A 203 5.12 -8.78 -9.65
C TYR A 203 4.81 -10.21 -10.09
N PRO A 204 3.59 -10.69 -9.80
CA PRO A 204 3.20 -12.04 -10.18
C PRO A 204 2.97 -12.13 -11.69
N ALA A 205 3.17 -13.32 -12.25
CA ALA A 205 2.60 -13.75 -13.56
C ALA A 205 1.17 -14.23 -13.31
N THR A 206 0.17 -13.59 -13.93
CA THR A 206 -1.26 -13.89 -13.64
C THR A 206 -2.00 -14.35 -14.90
N ASP A 207 -1.37 -14.22 -16.07
CA ASP A 207 -2.03 -14.51 -17.38
C ASP A 207 -1.00 -15.00 -18.39
N SER A 208 -1.08 -16.29 -18.70
CA SER A 208 -0.27 -16.99 -19.73
C SER A 208 -1.05 -17.09 -21.05
N SER A 209 -2.31 -16.63 -21.11
CA SER A 209 -3.22 -16.85 -22.27
C SER A 209 -3.07 -15.74 -23.31
N ARG A 210 -2.63 -14.56 -22.90
CA ARG A 210 -2.57 -13.35 -23.74
C ARG A 210 -1.25 -12.62 -23.47
N GLU A 211 -0.81 -11.82 -24.43
CA GLU A 211 0.30 -10.84 -24.25
C GLU A 211 -0.31 -9.45 -24.06
N SER A 212 -0.17 -8.90 -22.85
CA SER A 212 -0.50 -7.51 -22.47
C SER A 212 0.38 -6.54 -23.28
N ALA A 213 0.00 -5.26 -23.31
CA ALA A 213 0.83 -4.17 -23.88
C ALA A 213 2.23 -4.23 -23.23
N SER A 214 2.30 -4.42 -21.91
CA SER A 214 3.60 -4.43 -21.18
C SER A 214 4.45 -5.64 -21.61
N ARG A 215 3.87 -6.83 -21.81
CA ARG A 215 4.65 -8.02 -22.28
C ARG A 215 5.31 -7.72 -23.63
N VAL A 216 4.63 -6.99 -24.51
CA VAL A 216 5.18 -6.59 -25.85
C VAL A 216 6.28 -5.53 -25.65
N ALA A 217 5.91 -4.41 -25.03
CA ALA A 217 6.77 -3.22 -24.87
C ALA A 217 8.12 -3.58 -24.22
N PHE A 218 8.15 -4.56 -23.30
CA PHE A 218 9.36 -4.89 -22.50
C PHE A 218 9.86 -6.30 -22.81
N ALA A 219 9.59 -6.78 -24.03
CA ALA A 219 10.01 -8.12 -24.54
C ALA A 219 11.51 -8.25 -24.40
N GLU A 220 12.20 -7.11 -24.59
CA GLU A 220 13.66 -7.10 -24.48
C GLU A 220 14.13 -5.84 -23.80
N GLY A 221 15.41 -5.93 -23.44
CA GLY A 221 16.17 -4.85 -22.78
C GLY A 221 15.98 -4.73 -21.26
N TYR A 222 15.26 -5.63 -20.52
CA TYR A 222 14.85 -5.34 -19.10
C TYR A 222 14.98 -6.54 -18.15
N PHE A 223 16.22 -6.97 -17.94
CA PHE A 223 16.61 -8.16 -17.14
C PHE A 223 15.81 -9.39 -17.59
N LEU A 224 14.49 -9.47 -17.32
CA LEU A 224 13.60 -10.61 -17.73
C LEU A 224 13.10 -10.38 -19.16
N SER A 225 13.64 -11.13 -20.12
CA SER A 225 13.37 -10.93 -21.54
C SER A 225 12.43 -12.07 -22.01
N LYS A 226 11.74 -11.89 -23.16
CA LYS A 226 10.81 -12.87 -23.73
C LYS A 226 11.52 -14.23 -23.87
N ALA A 227 12.77 -14.24 -24.36
CA ALA A 227 13.59 -15.46 -24.53
C ALA A 227 13.71 -16.18 -23.19
N HIS A 228 13.96 -15.46 -22.10
CA HIS A 228 14.00 -16.01 -20.71
C HIS A 228 12.66 -16.68 -20.38
N MET A 229 11.54 -16.02 -20.69
CA MET A 229 10.18 -16.55 -20.35
C MET A 229 9.90 -17.82 -21.16
N ASP A 230 10.42 -17.92 -22.38
CA ASP A 230 10.24 -19.11 -23.26
C ASP A 230 11.06 -20.29 -22.74
N TRP A 231 12.30 -20.04 -22.32
CA TRP A 231 13.22 -21.00 -21.66
C TRP A 231 12.56 -21.56 -20.40
N PHE A 232 11.98 -20.70 -19.55
CA PHE A 232 11.21 -21.14 -18.36
C PHE A 232 10.01 -21.96 -18.82
N TRP A 233 9.28 -21.44 -19.80
CA TRP A 233 8.01 -22.02 -20.32
C TRP A 233 8.25 -23.44 -20.85
N GLU A 234 9.28 -23.64 -21.69
CA GLU A 234 9.56 -24.95 -22.33
C GLU A 234 9.84 -26.00 -21.23
N ALA A 235 10.45 -25.61 -20.10
CA ALA A 235 10.74 -26.51 -18.95
C ALA A 235 9.44 -26.81 -18.17
N TYR A 236 8.63 -25.80 -17.90
CA TYR A 236 7.51 -25.87 -16.92
C TYR A 236 6.26 -26.51 -17.54
N VAL A 237 5.89 -26.13 -18.76
CA VAL A 237 4.49 -26.40 -19.25
C VAL A 237 4.52 -27.46 -20.35
N PRO A 238 3.85 -28.61 -20.17
CA PRO A 238 3.64 -29.53 -21.30
C PRO A 238 2.91 -28.84 -22.45
N GLU A 239 3.37 -29.10 -23.67
CA GLU A 239 2.86 -28.55 -24.96
C GLU A 239 1.33 -28.58 -25.00
N ASP A 240 0.69 -29.65 -24.52
CA ASP A 240 -0.76 -29.87 -24.75
C ASP A 240 -1.62 -29.00 -23.82
N THR A 241 -1.04 -28.12 -22.99
CA THR A 241 -1.74 -27.53 -21.82
C THR A 241 -2.56 -26.31 -22.27
N ASP A 242 -3.82 -26.29 -21.83
CA ASP A 242 -4.76 -25.16 -21.98
C ASP A 242 -4.16 -23.96 -21.24
N LEU A 243 -3.79 -22.92 -21.98
CA LEU A 243 -3.18 -21.68 -21.43
C LEU A 243 -4.19 -20.87 -20.60
N THR A 244 -5.48 -21.22 -20.65
CA THR A 244 -6.53 -20.59 -19.80
C THR A 244 -6.73 -21.39 -18.51
N ASP A 245 -6.00 -22.49 -18.31
CA ASP A 245 -5.96 -23.19 -16.99
C ASP A 245 -5.69 -22.14 -15.91
N LEU A 246 -6.49 -22.14 -14.84
CA LEU A 246 -6.47 -21.09 -13.79
C LEU A 246 -5.18 -21.18 -12.96
N ARG A 247 -4.47 -22.31 -13.03
CA ARG A 247 -3.15 -22.51 -12.38
C ARG A 247 -2.03 -21.83 -13.18
N LEU A 248 -2.24 -21.59 -14.48
CA LEU A 248 -1.30 -20.83 -15.34
C LEU A 248 -1.77 -19.38 -15.47
N SER A 249 -3.07 -19.15 -15.37
CA SER A 249 -3.73 -17.89 -15.75
C SER A 249 -4.79 -17.53 -14.72
N PRO A 250 -4.41 -17.33 -13.44
CA PRO A 250 -5.39 -17.02 -12.40
C PRO A 250 -6.13 -15.69 -12.62
N LEU A 251 -5.60 -14.79 -13.45
CA LEU A 251 -6.31 -13.55 -13.86
C LEU A 251 -7.68 -13.90 -14.48
N LEU A 252 -7.83 -15.07 -15.10
CA LEU A 252 -9.06 -15.42 -15.88
C LEU A 252 -10.15 -16.00 -14.98
N ALA A 253 -9.93 -16.09 -13.67
CA ALA A 253 -10.99 -16.52 -12.72
C ALA A 253 -12.26 -15.71 -13.00
N THR A 254 -13.40 -16.38 -13.01
CA THR A 254 -14.75 -15.81 -13.28
C THR A 254 -15.18 -15.02 -12.04
N ASP A 255 -14.82 -15.50 -10.86
CA ASP A 255 -15.26 -14.95 -9.55
C ASP A 255 -14.02 -14.66 -8.69
N PHE A 256 -13.85 -13.41 -8.25
CA PHE A 256 -12.75 -13.01 -7.32
C PHE A 256 -13.26 -12.81 -5.89
N THR A 257 -14.55 -13.00 -5.63
CA THR A 257 -15.12 -12.81 -4.27
C THR A 257 -14.65 -13.95 -3.37
N GLY A 258 -14.50 -13.69 -2.08
CA GLY A 258 -14.06 -14.69 -1.09
C GLY A 258 -12.55 -14.91 -1.13
N LEU A 259 -11.81 -14.19 -1.97
CA LEU A 259 -10.32 -14.25 -1.96
C LEU A 259 -9.83 -13.33 -0.85
N PRO A 260 -8.68 -13.64 -0.22
CA PRO A 260 -8.24 -12.87 0.93
C PRO A 260 -7.70 -11.48 0.55
N PRO A 261 -7.66 -10.57 1.53
CA PRO A 261 -7.05 -9.25 1.36
C PRO A 261 -5.63 -9.37 0.76
N ALA A 262 -5.28 -8.43 -0.10
CA ALA A 262 -4.09 -8.57 -0.97
C ALA A 262 -3.24 -7.31 -0.93
N PHE A 263 -1.95 -7.53 -1.14
CA PHE A 263 -0.95 -6.52 -1.55
C PHE A 263 -0.42 -6.95 -2.90
N VAL A 264 -0.47 -6.07 -3.90
CA VAL A 264 -0.02 -6.39 -5.28
C VAL A 264 0.99 -5.31 -5.70
N LEU A 265 2.20 -5.73 -6.02
CA LEU A 265 3.31 -4.82 -6.40
C LEU A 265 3.70 -5.11 -7.84
N THR A 266 3.83 -4.07 -8.65
CA THR A 266 4.39 -4.14 -10.02
C THR A 266 5.64 -3.26 -10.09
N ALA A 267 6.56 -3.62 -11.00
CA ALA A 267 7.69 -2.77 -11.44
C ALA A 267 7.32 -2.14 -12.78
N GLY A 268 7.71 -0.88 -12.97
CA GLY A 268 7.35 -0.07 -14.15
C GLY A 268 7.80 -0.71 -15.46
N TYR A 269 9.03 -1.26 -15.49
CA TYR A 269 9.69 -1.79 -16.71
C TYR A 269 9.66 -3.33 -16.70
N ASP A 270 8.53 -3.87 -16.30
CA ASP A 270 8.33 -5.33 -16.15
C ASP A 270 7.28 -5.76 -17.17
N PRO A 271 7.57 -6.75 -18.04
CA PRO A 271 6.53 -7.28 -18.94
C PRO A 271 5.27 -7.74 -18.19
N LEU A 272 5.42 -8.18 -16.93
CA LEU A 272 4.30 -8.69 -16.10
C LEU A 272 3.49 -7.54 -15.47
N ARG A 273 3.89 -6.29 -15.67
CA ARG A 273 3.25 -5.15 -14.95
C ARG A 273 1.73 -5.14 -15.17
N ASP A 274 1.29 -5.18 -16.42
CA ASP A 274 -0.13 -4.94 -16.80
C ASP A 274 -1.03 -6.02 -16.19
N GLU A 275 -0.62 -7.29 -16.27
CA GLU A 275 -1.44 -8.42 -15.75
C GLU A 275 -1.37 -8.46 -14.22
N GLY A 276 -0.29 -7.96 -13.63
CA GLY A 276 -0.20 -7.73 -12.16
C GLY A 276 -1.25 -6.74 -11.71
N ARG A 277 -1.30 -5.61 -12.41
CA ARG A 277 -2.23 -4.51 -12.08
C ARG A 277 -3.68 -4.94 -12.37
N ALA A 278 -3.91 -5.65 -13.47
CA ALA A 278 -5.24 -6.21 -13.81
C ALA A 278 -5.71 -7.11 -12.67
N TYR A 279 -4.82 -7.90 -12.07
CA TYR A 279 -5.20 -8.84 -10.98
C TYR A 279 -5.70 -8.02 -9.79
N ALA A 280 -4.96 -6.95 -9.44
CA ALA A 280 -5.34 -6.00 -8.38
C ALA A 280 -6.72 -5.40 -8.71
N ASP A 281 -6.93 -5.00 -9.97
CA ASP A 281 -8.22 -4.39 -10.43
C ASP A 281 -9.35 -5.40 -10.18
N ARG A 282 -9.17 -6.66 -10.55
CA ARG A 282 -10.22 -7.69 -10.35
C ARG A 282 -10.52 -7.80 -8.86
N LEU A 283 -9.48 -7.77 -7.99
CA LEU A 283 -9.67 -7.89 -6.53
C LEU A 283 -10.47 -6.68 -6.02
N ILE A 284 -10.13 -5.47 -6.47
CA ILE A 284 -10.79 -4.22 -6.03
C ILE A 284 -12.25 -4.26 -6.43
N GLU A 285 -12.55 -4.61 -7.70
CA GLU A 285 -13.94 -4.63 -8.24
C GLU A 285 -14.77 -5.67 -7.48
N ALA A 286 -14.15 -6.74 -6.99
CA ALA A 286 -14.84 -7.84 -6.25
C ALA A 286 -15.08 -7.45 -4.79
N GLY A 287 -14.59 -6.29 -4.35
CA GLY A 287 -14.76 -5.81 -2.97
C GLY A 287 -13.79 -6.46 -2.00
N ILE A 288 -12.62 -6.90 -2.50
CA ILE A 288 -11.51 -7.42 -1.65
C ILE A 288 -10.66 -6.22 -1.22
N LYS A 289 -10.31 -6.14 0.06
CA LYS A 289 -9.34 -5.14 0.56
C LYS A 289 -8.04 -5.37 -0.19
N THR A 290 -7.59 -4.39 -0.96
CA THR A 290 -6.48 -4.54 -1.92
C THR A 290 -5.59 -3.30 -1.84
N THR A 291 -4.30 -3.54 -1.64
CA THR A 291 -3.23 -2.51 -1.78
C THR A 291 -2.50 -2.82 -3.08
N TYR A 292 -2.45 -1.85 -3.98
CA TYR A 292 -1.70 -1.95 -5.26
C TYR A 292 -0.58 -0.90 -5.21
N VAL A 293 0.64 -1.27 -5.54
CA VAL A 293 1.74 -0.26 -5.64
C VAL A 293 2.49 -0.51 -6.94
N ASN A 294 2.81 0.56 -7.66
CA ASN A 294 3.72 0.47 -8.83
C ASN A 294 5.00 1.21 -8.49
N TYR A 295 6.14 0.53 -8.66
CA TYR A 295 7.50 1.08 -8.53
C TYR A 295 8.00 1.40 -9.93
N PRO A 296 7.84 2.65 -10.41
CA PRO A 296 8.28 3.01 -11.75
C PRO A 296 9.81 3.02 -11.79
N GLY A 297 10.39 2.86 -12.97
CA GLY A 297 11.83 3.08 -13.17
C GLY A 297 12.69 1.93 -12.65
N THR A 298 12.06 0.80 -12.31
CA THR A 298 12.78 -0.43 -11.91
C THR A 298 12.24 -1.60 -12.73
N ILE A 299 12.90 -2.74 -12.60
CA ILE A 299 12.73 -3.93 -13.47
C ILE A 299 12.19 -5.08 -12.64
N HIS A 300 11.64 -6.08 -13.31
CA HIS A 300 11.34 -7.40 -12.72
C HIS A 300 12.57 -7.92 -11.97
N GLY A 301 12.40 -8.39 -10.74
CA GLY A 301 13.48 -8.99 -9.93
C GLY A 301 14.00 -8.06 -8.86
N PHE A 302 13.64 -6.78 -8.87
CA PHE A 302 14.27 -5.75 -8.00
C PHE A 302 14.01 -6.05 -6.52
N PHE A 303 12.93 -6.78 -6.22
CA PHE A 303 12.50 -7.12 -4.84
C PHE A 303 13.57 -8.00 -4.15
N SER A 304 14.33 -8.77 -4.93
CA SER A 304 15.38 -9.67 -4.41
C SER A 304 16.78 -9.28 -4.89
N LEU A 305 16.93 -8.35 -5.84
CA LEU A 305 18.27 -7.87 -6.31
C LEU A 305 18.71 -6.66 -5.49
N THR A 306 18.64 -6.77 -4.17
CA THR A 306 18.71 -5.60 -3.26
C THR A 306 20.17 -5.20 -2.97
N ARG A 307 21.15 -5.99 -3.41
CA ARG A 307 22.58 -5.54 -3.40
C ARG A 307 22.74 -4.39 -4.42
N PHE A 308 21.99 -4.42 -5.52
CA PHE A 308 22.16 -3.45 -6.65
C PHE A 308 21.07 -2.39 -6.62
N LEU A 309 19.85 -2.77 -6.24
CA LEU A 309 18.63 -1.93 -6.33
C LEU A 309 18.07 -1.66 -4.93
N SER A 310 18.40 -0.50 -4.37
CA SER A 310 17.87 0.05 -3.10
C SER A 310 16.33 0.14 -3.15
N GLN A 311 15.74 0.39 -4.33
CA GLN A 311 14.26 0.39 -4.49
C GLN A 311 13.69 -0.93 -3.98
N GLY A 312 14.45 -2.02 -4.11
CA GLY A 312 14.04 -3.36 -3.67
C GLY A 312 13.88 -3.42 -2.16
N LEU A 313 14.80 -2.77 -1.43
CA LEU A 313 14.75 -2.70 0.04
C LEU A 313 13.52 -1.89 0.46
N LYS A 314 13.20 -0.84 -0.31
CA LYS A 314 11.99 -0.01 -0.07
C LYS A 314 10.74 -0.86 -0.32
N ALA A 315 10.73 -1.64 -1.40
CA ALA A 315 9.63 -2.55 -1.75
C ALA A 315 9.48 -3.62 -0.66
N ASN A 316 10.61 -4.21 -0.23
CA ASN A 316 10.63 -5.19 0.90
C ASN A 316 9.88 -4.59 2.09
N ASP A 317 10.26 -3.37 2.48
CA ASP A 317 9.74 -2.68 3.68
C ASP A 317 8.26 -2.33 3.50
N GLU A 318 7.87 -1.94 2.29
CA GLU A 318 6.44 -1.62 2.02
C GLU A 318 5.62 -2.90 2.10
N ALA A 319 6.00 -3.98 1.42
CA ALA A 319 5.29 -5.27 1.50
C ALA A 319 5.16 -5.69 2.98
N ALA A 320 6.26 -5.67 3.72
CA ALA A 320 6.33 -6.08 5.16
C ALA A 320 5.40 -5.22 6.00
N ALA A 321 5.47 -3.90 5.81
CA ALA A 321 4.74 -2.92 6.61
C ALA A 321 3.23 -3.09 6.41
N VAL A 322 2.81 -3.29 5.15
CA VAL A 322 1.36 -3.47 4.82
C VAL A 322 0.85 -4.78 5.43
N MET A 323 1.62 -5.87 5.32
CA MET A 323 1.21 -7.17 5.91
C MET A 323 1.15 -7.02 7.44
N GLY A 324 2.20 -6.44 8.04
CA GLY A 324 2.27 -6.17 9.48
C GLY A 324 1.08 -5.39 9.95
N ALA A 325 0.67 -4.38 9.18
CA ALA A 325 -0.46 -3.50 9.57
C ALA A 325 -1.75 -4.31 9.50
N HIS A 326 -1.91 -5.15 8.48
CA HIS A 326 -3.15 -5.96 8.30
C HIS A 326 -3.29 -6.91 9.49
N PHE A 327 -2.17 -7.42 9.98
CA PHE A 327 -2.12 -8.42 11.08
C PHE A 327 -1.98 -7.76 12.46
N GLY A 328 -1.97 -6.42 12.51
CA GLY A 328 -1.93 -5.68 13.77
C GLY A 328 -0.69 -6.00 14.57
N THR A 329 0.45 -6.21 13.90
CA THR A 329 1.75 -6.47 14.58
C THR A 329 2.34 -5.12 15.02
N MET B 15 -20.52 -5.67 0.69
CA MET B 15 -21.39 -5.49 1.88
C MET B 15 -20.64 -4.67 2.94
N LEU B 16 -21.38 -3.89 3.73
CA LEU B 16 -20.88 -3.17 4.92
C LEU B 16 -20.35 -4.16 5.94
N LEU B 17 -19.24 -3.85 6.61
CA LEU B 17 -18.72 -4.72 7.68
C LEU B 17 -19.66 -4.61 8.88
N PRO B 18 -19.79 -5.68 9.69
CA PRO B 18 -20.53 -5.62 10.95
C PRO B 18 -20.22 -4.39 11.82
N GLU B 19 -18.94 -4.06 12.05
CA GLU B 19 -18.56 -2.91 12.93
C GLU B 19 -19.16 -1.62 12.34
N THR B 20 -19.24 -1.53 11.01
CA THR B 20 -19.77 -0.35 10.29
C THR B 20 -21.29 -0.29 10.52
N ARG B 21 -21.97 -1.43 10.42
CA ARG B 21 -23.44 -1.49 10.65
C ARG B 21 -23.71 -1.12 12.11
N ASN B 22 -22.91 -1.62 13.06
CA ASN B 22 -23.02 -1.23 14.49
C ASN B 22 -23.00 0.31 14.61
N LEU B 23 -22.09 0.97 13.91
CA LEU B 23 -21.95 2.44 14.01
C LEU B 23 -23.16 3.12 13.36
N LEU B 24 -23.58 2.67 12.18
CA LEU B 24 -24.76 3.25 11.48
C LEU B 24 -26.01 3.06 12.36
N ASP B 25 -26.07 2.00 13.17
CA ASP B 25 -27.17 1.75 14.14
C ASP B 25 -27.17 2.82 15.24
N LEU B 26 -26.01 3.05 15.87
CA LEU B 26 -25.83 4.13 16.89
C LEU B 26 -26.29 5.47 16.31
N MET B 27 -25.86 5.80 15.09
CA MET B 27 -26.20 7.07 14.39
C MET B 27 -27.72 7.17 14.26
N ASP B 28 -28.35 6.07 13.83
CA ASP B 28 -29.82 5.97 13.61
C ASP B 28 -30.55 6.13 14.96
N ALA B 29 -29.98 5.61 16.06
CA ALA B 29 -30.52 5.70 17.44
C ALA B 29 -30.49 7.16 17.93
N ALA B 30 -29.44 7.90 17.60
CA ALA B 30 -29.31 9.34 17.96
C ALA B 30 -30.37 10.15 17.19
N THR B 31 -30.58 9.81 15.92
CA THR B 31 -31.43 10.60 14.97
C THR B 31 -32.90 10.49 15.39
N ARG B 32 -33.42 9.26 15.55
CA ARG B 32 -34.79 9.04 16.07
C ARG B 32 -34.64 9.21 17.58
N GLY B 33 -34.88 10.42 18.08
CA GLY B 33 -34.57 10.84 19.47
C GLY B 33 -34.03 12.26 19.50
N GLY B 34 -33.13 12.57 20.44
CA GLY B 34 -32.70 13.93 20.80
C GLY B 34 -32.04 14.72 19.66
N ARG B 35 -31.25 14.06 18.81
CA ARG B 35 -30.29 14.75 17.90
C ARG B 35 -31.00 15.30 16.65
N PRO B 36 -30.71 16.56 16.23
CA PRO B 36 -31.06 17.05 14.90
C PRO B 36 -29.95 16.91 13.85
N GLY B 37 -30.31 17.06 12.56
CA GLY B 37 -29.36 17.00 11.43
C GLY B 37 -28.31 18.10 11.52
N LEU B 38 -27.05 17.75 11.23
CA LEU B 38 -25.92 18.72 11.14
C LEU B 38 -26.27 19.83 10.13
N ASP B 39 -26.96 19.48 9.05
CA ASP B 39 -27.20 20.35 7.86
C ASP B 39 -28.33 21.36 8.16
N THR B 40 -28.90 21.34 9.38
CA THR B 40 -30.01 22.22 9.82
C THR B 40 -29.52 23.34 10.74
N LEU B 41 -28.21 23.41 11.05
CA LEU B 41 -27.65 24.35 12.06
C LEU B 41 -26.80 25.41 11.39
N PRO B 42 -26.62 26.60 12.01
CA PRO B 42 -25.58 27.53 11.59
C PRO B 42 -24.20 26.86 11.73
N HIS B 43 -23.28 27.15 10.81
CA HIS B 43 -21.98 26.45 10.68
C HIS B 43 -21.20 26.50 11.99
N ALA B 44 -21.07 27.67 12.62
CA ALA B 44 -20.27 27.82 13.86
C ALA B 44 -20.90 27.00 15.01
N VAL B 45 -22.22 26.84 15.04
CA VAL B 45 -22.86 26.07 16.15
C VAL B 45 -22.75 24.56 15.84
N GLY B 46 -23.02 24.14 14.60
CA GLY B 46 -22.78 22.75 14.14
C GLY B 46 -21.35 22.30 14.38
N ARG B 47 -20.37 23.18 14.14
CA ARG B 47 -18.93 22.88 14.36
C ARG B 47 -18.73 22.39 15.81
N LYS B 48 -19.28 23.11 16.79
CA LYS B 48 -19.08 22.78 18.23
C LYS B 48 -19.56 21.35 18.53
N ALA B 49 -20.75 21.00 18.03
CA ALA B 49 -21.43 19.72 18.33
C ALA B 49 -20.69 18.58 17.63
N VAL B 50 -20.43 18.72 16.34
CA VAL B 50 -19.76 17.63 15.56
C VAL B 50 -18.29 17.50 15.99
N ASP B 51 -17.62 18.61 16.34
CA ASP B 51 -16.21 18.55 16.82
C ASP B 51 -16.14 17.71 18.10
N LYS B 52 -17.12 17.83 19.01
CA LYS B 52 -17.14 17.05 20.28
C LYS B 52 -17.32 15.57 19.96
N MET B 53 -18.22 15.24 19.03
CA MET B 53 -18.45 13.84 18.57
C MET B 53 -17.18 13.29 17.93
N SER B 54 -16.47 14.08 17.13
CA SER B 54 -15.20 13.66 16.50
C SER B 54 -14.16 13.37 17.58
N GLU B 55 -13.96 14.28 18.54
CA GLU B 55 -13.03 14.04 19.67
C GLU B 55 -13.41 12.72 20.34
N ASP B 56 -14.69 12.53 20.64
CA ASP B 56 -15.23 11.35 21.37
C ASP B 56 -15.12 10.09 20.49
N GLY B 57 -15.11 10.24 19.17
CA GLY B 57 -15.12 9.12 18.21
C GLY B 57 -13.75 8.53 17.93
N GLU B 58 -12.69 9.23 18.33
CA GLU B 58 -11.28 8.76 18.17
C GLU B 58 -11.01 7.68 19.22
N ALA B 59 -10.13 6.73 18.94
CA ALA B 59 -9.55 5.80 19.94
C ALA B 59 -8.86 6.64 21.03
N ASP B 60 -8.65 6.07 22.21
CA ASP B 60 -7.89 6.72 23.31
C ASP B 60 -6.51 7.12 22.80
N PRO B 61 -6.01 8.33 23.12
CA PRO B 61 -4.74 8.80 22.56
C PRO B 61 -3.55 7.97 23.05
N PRO B 62 -2.77 7.32 22.16
CA PRO B 62 -1.55 6.64 22.58
C PRO B 62 -0.50 7.64 23.06
N GLU B 63 0.32 7.23 24.02
CA GLU B 63 1.49 8.04 24.46
C GLU B 63 2.43 8.14 23.26
N VAL B 64 3.01 9.33 23.09
CA VAL B 64 4.13 9.61 22.15
C VAL B 64 5.29 10.11 23.01
N ALA B 65 6.45 10.31 22.40
CA ALA B 65 7.69 10.73 23.08
C ALA B 65 7.51 12.16 23.59
N GLU B 66 6.85 12.99 22.78
CA GLU B 66 6.74 14.44 23.04
C GLU B 66 5.64 15.05 22.16
N VAL B 67 4.89 15.98 22.73
CA VAL B 67 3.87 16.79 22.02
C VAL B 67 4.26 18.25 22.22
N ALA B 68 4.31 19.01 21.13
CA ALA B 68 4.68 20.44 21.11
C ALA B 68 3.54 21.24 20.48
N ASN B 69 3.20 22.36 21.11
CA ASN B 69 2.16 23.31 20.64
C ASN B 69 2.84 24.65 20.37
N GLY B 70 2.55 25.22 19.21
CA GLY B 70 3.03 26.55 18.82
C GLY B 70 2.22 27.11 17.67
N GLY B 71 2.60 28.28 17.20
CA GLY B 71 1.98 28.94 16.05
C GLY B 71 3.03 29.68 15.27
N PHE B 72 2.80 29.94 13.99
CA PHE B 72 3.67 30.81 13.17
C PHE B 72 2.76 31.71 12.34
N ALA B 73 3.34 32.78 11.79
CA ALA B 73 2.64 33.77 10.96
C ALA B 73 2.26 33.11 9.64
N GLY B 74 0.97 32.93 9.40
CA GLY B 74 0.43 32.53 8.08
C GLY B 74 0.16 33.74 7.20
N PRO B 75 -0.40 33.51 6.00
CA PRO B 75 -0.72 34.58 5.05
C PRO B 75 -1.50 35.73 5.70
N ALA B 76 -2.53 35.40 6.49
CA ALA B 76 -3.57 36.34 6.98
C ALA B 76 -3.84 36.16 8.47
N SER B 77 -3.10 35.29 9.16
CA SER B 77 -3.41 34.93 10.57
C SER B 77 -2.28 34.10 11.15
N GLU B 78 -2.34 33.84 12.45
CA GLU B 78 -1.46 32.83 13.11
C GLU B 78 -2.00 31.43 12.77
N ILE B 79 -1.13 30.57 12.25
CA ILE B 79 -1.46 29.13 12.04
C ILE B 79 -0.93 28.37 13.26
N ARG B 80 -1.81 27.76 14.06
CA ARG B 80 -1.41 26.89 15.19
C ARG B 80 -0.94 25.55 14.62
N PHE B 81 0.05 24.92 15.24
CA PHE B 81 0.49 23.55 14.92
C PHE B 81 0.70 22.74 16.20
N ARG B 82 0.61 21.43 16.05
CA ARG B 82 0.96 20.47 17.11
C ARG B 82 1.90 19.42 16.53
N ARG B 83 3.09 19.27 17.14
CA ARG B 83 4.13 18.32 16.72
C ARG B 83 4.05 17.11 17.64
N TYR B 84 4.13 15.93 17.04
CA TYR B 84 4.10 14.64 17.76
C TYR B 84 5.41 13.92 17.43
N ARG B 85 6.23 13.71 18.44
CA ARG B 85 7.51 12.95 18.32
C ARG B 85 7.22 11.48 18.62
N PRO B 86 7.52 10.54 17.70
CA PRO B 86 7.23 9.13 17.93
C PRO B 86 8.06 8.49 19.04
N LEU B 87 7.45 7.59 19.81
CA LEU B 87 8.16 6.71 20.79
C LEU B 87 9.35 6.03 20.11
N GLY B 88 10.51 6.04 20.78
CA GLY B 88 11.67 5.21 20.43
C GLY B 88 12.56 5.79 19.34
N GLU B 89 12.28 7.01 18.86
CA GLU B 89 13.13 7.73 17.88
C GLU B 89 13.96 8.81 18.59
N ALA B 90 15.28 8.79 18.42
CA ALA B 90 16.24 9.65 19.16
C ALA B 90 16.80 10.79 18.29
N ALA B 91 16.76 10.65 16.96
CA ALA B 91 17.38 11.61 16.02
C ALA B 91 16.75 13.00 16.19
N GLY B 92 17.54 14.06 16.07
CA GLY B 92 17.05 15.44 16.18
C GLY B 92 16.13 15.78 15.02
N LEU B 93 16.59 15.51 13.80
CA LEU B 93 15.85 15.76 12.55
C LEU B 93 15.15 14.47 12.12
N LEU B 94 13.83 14.47 12.13
CA LEU B 94 13.00 13.28 11.82
C LEU B 94 12.34 13.47 10.47
N PRO B 95 12.10 12.36 9.74
CA PRO B 95 11.19 12.40 8.59
C PRO B 95 9.87 12.86 9.22
N THR B 96 9.15 13.71 8.51
CA THR B 96 8.04 14.49 9.09
C THR B 96 6.86 14.48 8.12
N LEU B 97 5.67 14.18 8.67
CA LEU B 97 4.39 14.30 7.97
C LEU B 97 3.71 15.56 8.48
N ILE B 98 3.46 16.50 7.57
CA ILE B 98 2.56 17.66 7.83
C ILE B 98 1.14 17.18 7.53
N TYR B 99 0.31 17.18 8.56
CA TYR B 99 -1.04 16.57 8.50
C TYR B 99 -2.09 17.68 8.51
N TYR B 100 -3.04 17.56 7.59
CA TYR B 100 -4.21 18.45 7.48
C TYR B 100 -5.47 17.65 7.79
N HIS B 101 -6.09 17.95 8.94
CA HIS B 101 -7.36 17.31 9.39
C HIS B 101 -8.44 17.50 8.33
N GLY B 102 -9.40 16.57 8.29
CA GLY B 102 -10.64 16.72 7.48
C GLY B 102 -11.69 17.52 8.22
N GLY B 103 -12.83 17.69 7.57
CA GLY B 103 -14.02 18.40 8.07
C GLY B 103 -14.58 19.38 7.05
N GLY B 104 -14.47 19.06 5.76
CA GLY B 104 -15.11 19.78 4.65
C GLY B 104 -14.64 21.21 4.56
N PHE B 105 -13.50 21.53 5.18
CA PHE B 105 -12.94 22.90 5.29
C PHE B 105 -13.82 23.76 6.22
N VAL B 106 -14.69 23.13 7.00
CA VAL B 106 -15.64 23.85 7.90
C VAL B 106 -15.41 23.44 9.35
N ILE B 107 -15.25 22.14 9.62
CA ILE B 107 -15.13 21.59 11.00
C ILE B 107 -13.80 20.85 11.12
N GLY B 108 -13.55 20.29 12.30
CA GLY B 108 -12.28 19.62 12.66
C GLY B 108 -11.27 20.64 13.12
N ASN B 109 -10.22 20.15 13.77
CA ASN B 109 -9.10 20.97 14.29
C ASN B 109 -8.05 19.98 14.76
N ILE B 110 -7.03 20.47 15.45
CA ILE B 110 -5.92 19.60 15.94
C ILE B 110 -6.52 18.58 16.93
N GLU B 111 -7.47 19.01 17.75
CA GLU B 111 -8.07 18.17 18.85
C GLU B 111 -8.87 17.02 18.25
N THR B 112 -9.54 17.19 17.11
CA THR B 112 -10.41 16.11 16.56
C THR B 112 -9.56 14.98 15.96
N HIS B 113 -8.29 15.22 15.64
CA HIS B 113 -7.42 14.26 14.90
C HIS B 113 -6.18 13.92 15.74
N ASP B 114 -6.17 14.32 17.00
CA ASP B 114 -5.03 14.17 17.93
C ASP B 114 -4.65 12.69 18.14
N SER B 115 -5.59 11.82 18.49
CA SER B 115 -5.28 10.37 18.70
C SER B 115 -4.74 9.76 17.41
N THR B 116 -5.32 10.12 16.28
CA THR B 116 -4.94 9.58 14.94
C THR B 116 -3.51 10.00 14.61
N CYS B 117 -3.18 11.28 14.81
CA CYS B 117 -1.82 11.82 14.56
C CYS B 117 -0.81 11.14 15.50
N ARG B 118 -1.19 10.93 16.76
CA ARG B 118 -0.31 10.20 17.74
C ARG B 118 -0.03 8.80 17.19
N ARG B 119 -1.06 8.09 16.75
CA ARG B 119 -0.91 6.71 16.23
C ARG B 119 -0.05 6.73 14.96
N LEU B 120 -0.30 7.67 14.03
CA LEU B 120 0.47 7.80 12.77
C LEU B 120 1.95 8.01 13.09
N ALA B 121 2.24 8.91 14.02
CA ALA B 121 3.63 9.22 14.45
C ALA B 121 4.30 7.93 14.95
N ASN B 122 3.68 7.24 15.90
CA ASN B 122 4.23 6.00 16.53
C ASN B 122 4.41 4.90 15.48
N LYS B 123 3.46 4.69 14.57
CA LYS B 123 3.51 3.53 13.64
C LYS B 123 4.50 3.83 12.51
N SER B 124 4.65 5.09 12.12
CA SER B 124 5.52 5.48 10.98
C SER B 124 6.96 5.69 11.46
N ARG B 125 7.14 5.95 12.76
CA ARG B 125 8.42 6.40 13.37
C ARG B 125 8.84 7.73 12.71
N CYS B 126 7.85 8.48 12.22
CA CYS B 126 8.00 9.86 11.69
C CYS B 126 7.37 10.84 12.66
N GLN B 127 7.88 12.06 12.68
CA GLN B 127 7.22 13.21 13.34
C GLN B 127 5.95 13.53 12.55
N VAL B 128 4.86 13.84 13.25
CA VAL B 128 3.62 14.39 12.62
C VAL B 128 3.46 15.84 13.10
N ILE B 129 3.17 16.76 12.20
CA ILE B 129 2.83 18.17 12.54
C ILE B 129 1.44 18.42 11.99
N SER B 130 0.48 18.50 12.92
CA SER B 130 -0.94 18.74 12.61
C SER B 130 -1.13 20.24 12.51
N ILE B 131 -1.82 20.69 11.46
CA ILE B 131 -1.97 22.13 11.14
C ILE B 131 -3.42 22.53 11.40
N ASP B 132 -3.59 23.65 12.10
CA ASP B 132 -4.90 24.26 12.41
C ASP B 132 -5.12 25.38 11.41
N TYR B 133 -5.54 25.03 10.21
CA TYR B 133 -5.76 25.97 9.09
C TYR B 133 -7.09 26.68 9.30
N ARG B 134 -7.25 27.85 8.67
CA ARG B 134 -8.48 28.66 8.75
C ARG B 134 -9.64 27.89 8.13
N LEU B 135 -10.82 28.02 8.73
CA LEU B 135 -12.04 27.27 8.34
C LEU B 135 -13.08 28.24 7.77
N ALA B 136 -13.86 27.74 6.81
CA ALA B 136 -15.10 28.33 6.30
C ALA B 136 -16.19 28.10 7.34
N PRO B 137 -17.28 28.90 7.40
CA PRO B 137 -17.51 30.03 6.49
C PRO B 137 -16.80 31.34 6.85
N GLU B 138 -16.10 31.39 7.99
CA GLU B 138 -15.41 32.63 8.43
C GLU B 138 -14.35 32.97 7.38
N HIS B 139 -13.63 31.95 6.89
CA HIS B 139 -12.54 32.09 5.89
C HIS B 139 -12.81 31.15 4.72
N PRO B 140 -13.61 31.58 3.73
CA PRO B 140 -13.94 30.70 2.61
C PRO B 140 -12.76 30.47 1.67
N PHE B 141 -12.91 29.48 0.80
CA PHE B 141 -12.03 29.26 -0.38
C PHE B 141 -11.57 30.62 -0.91
N PRO B 142 -10.26 30.85 -1.17
CA PRO B 142 -9.20 29.83 -1.08
C PRO B 142 -8.40 29.83 0.23
N ALA B 143 -8.90 30.44 1.31
CA ALA B 143 -8.13 30.68 2.56
C ALA B 143 -7.63 29.37 3.18
N PRO B 144 -8.45 28.31 3.34
CA PRO B 144 -7.96 27.06 3.92
C PRO B 144 -6.74 26.48 3.18
N ILE B 145 -6.78 26.47 1.84
CA ILE B 145 -5.68 25.93 0.99
C ILE B 145 -4.47 26.86 1.11
N ASP B 146 -4.68 28.17 1.09
CA ASP B 146 -3.58 29.16 1.26
C ASP B 146 -2.82 28.84 2.54
N ASP B 147 -3.54 28.53 3.64
CA ASP B 147 -2.92 28.18 4.94
C ASP B 147 -2.17 26.86 4.81
N GLY B 148 -2.78 25.86 4.18
CA GLY B 148 -2.13 24.56 3.94
C GLY B 148 -0.82 24.75 3.21
N ILE B 149 -0.85 25.53 2.12
CA ILE B 149 0.35 25.81 1.29
C ILE B 149 1.39 26.53 2.15
N ALA B 150 0.97 27.56 2.89
CA ALA B 150 1.87 28.41 3.71
C ALA B 150 2.48 27.58 4.83
N ALA B 151 1.75 26.61 5.40
CA ALA B 151 2.26 25.73 6.47
C ALA B 151 3.38 24.88 5.90
N PHE B 152 3.18 24.29 4.73
CA PHE B 152 4.21 23.43 4.08
C PHE B 152 5.45 24.29 3.79
N ARG B 153 5.28 25.47 3.22
CA ARG B 153 6.42 26.33 2.80
C ARG B 153 7.20 26.77 4.03
N HIS B 154 6.49 27.20 5.07
CA HIS B 154 7.12 27.66 6.34
C HIS B 154 7.93 26.51 6.97
N ILE B 155 7.37 25.32 7.02
CA ILE B 155 8.05 24.18 7.68
C ILE B 155 9.18 23.72 6.77
N ARG B 156 8.98 23.69 5.46
CA ARG B 156 10.06 23.33 4.51
C ARG B 156 11.26 24.26 4.75
N ASP B 157 11.03 25.58 4.79
CA ASP B 157 12.11 26.60 4.79
C ASP B 157 12.71 26.72 6.20
N ASN B 158 12.03 26.22 7.23
CA ASN B 158 12.47 26.27 8.64
C ASN B 158 12.48 24.85 9.24
N ALA B 159 12.85 23.85 8.44
CA ALA B 159 12.75 22.40 8.78
C ALA B 159 13.45 22.13 10.12
N GLU B 160 14.69 22.59 10.28
CA GLU B 160 15.49 22.30 11.52
C GLU B 160 14.74 22.85 12.74
N SER B 161 14.05 23.98 12.62
CA SER B 161 13.25 24.60 13.71
C SER B 161 12.13 23.65 14.17
N PHE B 162 11.62 22.81 13.27
CA PHE B 162 10.48 21.89 13.52
C PHE B 162 10.99 20.48 13.81
N GLY B 163 12.32 20.29 13.92
CA GLY B 163 12.91 18.96 14.15
C GLY B 163 12.66 18.06 12.97
N ALA B 164 12.60 18.64 11.77
CA ALA B 164 12.25 17.95 10.51
C ALA B 164 13.48 17.82 9.62
N ASP B 165 13.66 16.62 9.05
CA ASP B 165 14.62 16.36 7.95
C ASP B 165 13.97 16.85 6.66
N ALA B 166 14.51 17.94 6.11
CA ALA B 166 14.03 18.65 4.90
C ALA B 166 13.99 17.72 3.69
N ALA B 167 14.83 16.67 3.68
CA ALA B 167 14.86 15.65 2.61
C ALA B 167 13.65 14.71 2.71
N ARG B 168 12.93 14.70 3.84
CA ARG B 168 11.84 13.70 4.12
C ARG B 168 10.66 14.42 4.77
N LEU B 169 10.09 15.35 4.02
CA LEU B 169 8.89 16.15 4.40
C LEU B 169 7.70 15.67 3.59
N ALA B 170 6.75 15.02 4.25
CA ALA B 170 5.50 14.56 3.62
C ALA B 170 4.38 15.54 3.98
N VAL B 171 3.36 15.59 3.14
CA VAL B 171 2.05 16.20 3.48
C VAL B 171 1.00 15.10 3.40
N GLY B 172 -0.07 15.24 4.17
CA GLY B 172 -1.19 14.31 4.12
C GLY B 172 -2.38 14.86 4.84
N GLY B 173 -3.50 14.18 4.71
CA GLY B 173 -4.72 14.53 5.42
C GLY B 173 -5.85 13.62 5.01
N ASP B 174 -6.99 13.79 5.67
CA ASP B 174 -8.25 13.04 5.40
C ASP B 174 -9.29 14.01 4.85
N SER B 175 -10.06 13.55 3.86
CA SER B 175 -11.02 14.36 3.10
C SER B 175 -10.55 15.71 2.58
N ALA B 176 -11.09 16.80 3.12
CA ALA B 176 -10.63 18.14 2.80
C ALA B 176 -9.11 18.20 3.01
N GLY B 177 -8.61 17.57 4.07
CA GLY B 177 -7.18 17.53 4.39
C GLY B 177 -6.39 16.80 3.31
N GLY B 178 -6.98 15.75 2.74
CA GLY B 178 -6.43 14.99 1.60
C GLY B 178 -6.38 15.84 0.35
N ALA B 179 -7.49 16.52 0.04
CA ALA B 179 -7.57 17.54 -1.02
C ALA B 179 -6.44 18.55 -0.80
N MET B 180 -6.30 19.05 0.43
CA MET B 180 -5.30 20.09 0.75
C MET B 180 -3.90 19.58 0.39
N ALA B 181 -3.58 18.35 0.81
CA ALA B 181 -2.25 17.73 0.60
C ALA B 181 -2.01 17.58 -0.90
N ALA B 182 -3.01 17.10 -1.66
CA ALA B 182 -2.92 16.95 -3.13
C ALA B 182 -2.63 18.31 -3.75
N VAL B 183 -3.36 19.34 -3.33
CA VAL B 183 -3.23 20.71 -3.89
C VAL B 183 -1.88 21.31 -3.51
N VAL B 184 -1.42 21.12 -2.27
CA VAL B 184 -0.08 21.63 -1.86
C VAL B 184 0.97 21.08 -2.83
N CYS B 185 0.90 19.80 -3.18
CA CYS B 185 1.90 19.14 -4.07
C CYS B 185 1.84 19.77 -5.45
N GLN B 186 0.64 19.89 -6.02
CA GLN B 186 0.43 20.51 -7.35
C GLN B 186 0.95 21.96 -7.32
N ALA B 187 0.66 22.72 -6.26
CA ALA B 187 1.01 24.15 -6.16
C ALA B 187 2.53 24.30 -6.22
N CYS B 188 3.27 23.51 -5.45
CA CYS B 188 4.75 23.51 -5.42
C CYS B 188 5.29 23.10 -6.79
N ARG B 189 4.73 22.06 -7.38
CA ARG B 189 5.13 21.59 -8.72
C ARG B 189 4.90 22.72 -9.75
N ASP B 190 3.74 23.38 -9.71
CA ASP B 190 3.33 24.40 -10.72
C ASP B 190 4.17 25.66 -10.56
N ALA B 191 4.59 25.98 -9.34
CA ALA B 191 5.40 27.19 -9.02
C ALA B 191 6.89 26.92 -9.31
N GLY B 192 7.26 25.68 -9.61
CA GLY B 192 8.67 25.29 -9.77
C GLY B 192 9.47 25.50 -8.50
N GLU B 193 8.92 25.14 -7.33
CA GLU B 193 9.70 25.13 -6.06
C GLU B 193 9.80 23.69 -5.52
N THR B 194 10.65 23.49 -4.51
CA THR B 194 10.78 22.20 -3.77
C THR B 194 9.44 21.87 -3.12
N GLY B 195 8.85 20.75 -3.53
CA GLY B 195 7.57 20.25 -2.99
C GLY B 195 7.80 19.15 -1.96
N PRO B 196 6.71 18.56 -1.42
CA PRO B 196 6.82 17.48 -0.45
C PRO B 196 7.51 16.25 -1.06
N ALA B 197 8.17 15.45 -0.21
CA ALA B 197 8.83 14.19 -0.60
C ALA B 197 7.77 13.10 -0.78
N PHE B 198 6.57 13.31 -0.24
CA PHE B 198 5.55 12.26 -0.12
C PHE B 198 4.19 12.88 0.18
N GLN B 199 3.13 12.26 -0.35
CA GLN B 199 1.74 12.74 -0.14
C GLN B 199 0.87 11.55 0.30
N MET B 200 0.28 11.66 1.49
CA MET B 200 -0.63 10.63 2.06
C MET B 200 -2.07 11.13 1.95
N LEU B 201 -2.81 10.65 0.95
CA LEU B 201 -4.18 11.14 0.65
C LEU B 201 -5.21 10.14 1.18
N ILE B 202 -5.84 10.47 2.31
CA ILE B 202 -6.85 9.60 2.95
C ILE B 202 -8.23 10.06 2.47
N TYR B 203 -8.89 9.22 1.68
CA TYR B 203 -10.20 9.49 1.04
C TYR B 203 -10.32 10.97 0.72
N PRO B 204 -9.43 11.50 -0.15
CA PRO B 204 -9.48 12.91 -0.52
C PRO B 204 -10.68 13.17 -1.44
N ALA B 205 -11.18 14.40 -1.39
CA ALA B 205 -12.02 15.04 -2.42
C ALA B 205 -11.09 15.58 -3.51
N THR B 206 -11.21 15.12 -4.75
CA THR B 206 -10.27 15.45 -5.84
C THR B 206 -11.01 16.12 -7.01
N ASP B 207 -12.33 16.08 -7.03
CA ASP B 207 -13.13 16.59 -8.16
C ASP B 207 -14.47 17.14 -7.68
N SER B 208 -14.60 18.46 -7.73
CA SER B 208 -15.84 19.23 -7.43
C SER B 208 -16.62 19.54 -8.72
N SER B 209 -16.10 19.19 -9.90
CA SER B 209 -16.66 19.61 -11.21
C SER B 209 -17.71 18.61 -11.72
N ARG B 210 -17.63 17.35 -11.28
CA ARG B 210 -18.45 16.23 -11.80
C ARG B 210 -18.86 15.34 -10.64
N GLU B 211 -19.99 14.64 -10.80
CA GLU B 211 -20.47 13.61 -9.84
C GLU B 211 -20.16 12.23 -10.42
N SER B 212 -19.20 11.54 -9.80
CA SER B 212 -18.82 10.13 -10.06
C SER B 212 -20.01 9.21 -9.77
N ALA B 213 -19.96 7.98 -10.27
CA ALA B 213 -20.96 6.94 -9.94
C ALA B 213 -21.06 6.81 -8.41
N SER B 214 -19.92 6.83 -7.70
CA SER B 214 -19.89 6.66 -6.23
C SER B 214 -20.57 7.87 -5.54
N ARG B 215 -20.38 9.11 -6.00
CA ARG B 215 -21.08 10.28 -5.40
C ARG B 215 -22.60 10.12 -5.50
N VAL B 216 -23.11 9.55 -6.59
CA VAL B 216 -24.56 9.27 -6.79
C VAL B 216 -24.99 8.12 -5.87
N ALA B 217 -24.35 6.96 -6.01
CA ALA B 217 -24.69 5.70 -5.30
C ALA B 217 -24.76 5.92 -3.78
N PHE B 218 -23.90 6.78 -3.22
CA PHE B 218 -23.77 6.95 -1.74
C PHE B 218 -24.18 8.35 -1.31
N ALA B 219 -25.08 8.98 -2.07
CA ALA B 219 -25.71 10.29 -1.76
C ALA B 219 -26.33 10.24 -0.35
N GLU B 220 -26.76 9.08 0.14
CA GLU B 220 -27.40 8.92 1.47
C GLU B 220 -27.16 7.51 2.02
N GLY B 221 -27.27 7.37 3.35
CA GLY B 221 -27.26 6.09 4.08
C GLY B 221 -25.92 5.79 4.74
N TYR B 222 -24.92 6.67 4.57
CA TYR B 222 -23.53 6.32 4.93
C TYR B 222 -22.76 7.51 5.48
N PHE B 223 -23.00 7.88 6.74
CA PHE B 223 -22.23 8.94 7.45
C PHE B 223 -22.20 10.29 6.64
N LEU B 224 -21.38 10.59 5.60
CA LEU B 224 -21.51 11.94 4.91
C LEU B 224 -22.51 11.82 3.75
N SER B 225 -23.68 12.43 3.94
CA SER B 225 -24.77 12.42 2.97
C SER B 225 -24.59 13.65 2.07
N LYS B 226 -25.25 13.67 0.89
CA LYS B 226 -25.13 14.78 -0.06
C LYS B 226 -25.54 16.10 0.63
N ALA B 227 -26.56 16.06 1.49
CA ALA B 227 -26.98 17.20 2.33
C ALA B 227 -25.79 17.73 3.16
N HIS B 228 -24.99 16.87 3.79
CA HIS B 228 -23.74 17.25 4.53
C HIS B 228 -22.78 17.95 3.57
N MET B 229 -22.60 17.41 2.36
CA MET B 229 -21.63 17.97 1.37
C MET B 229 -22.11 19.35 0.90
N ASP B 230 -23.42 19.59 0.83
CA ASP B 230 -24.02 20.89 0.41
C ASP B 230 -23.82 21.93 1.53
N TRP B 231 -24.04 21.53 2.78
CA TRP B 231 -23.81 22.36 4.00
C TRP B 231 -22.34 22.78 4.05
N PHE B 232 -21.40 21.84 3.84
CA PHE B 232 -19.96 22.16 3.74
C PHE B 232 -19.73 23.10 2.55
N TRP B 233 -20.29 22.77 1.40
CA TRP B 233 -20.11 23.51 0.13
C TRP B 233 -20.57 24.97 0.27
N GLU B 234 -21.77 25.19 0.82
CA GLU B 234 -22.38 26.53 1.08
C GLU B 234 -21.39 27.41 1.85
N ALA B 235 -20.70 26.83 2.84
CA ALA B 235 -19.75 27.57 3.72
C ALA B 235 -18.44 27.85 2.98
N TYR B 236 -17.90 26.85 2.28
CA TYR B 236 -16.52 26.88 1.74
C TYR B 236 -16.43 27.69 0.44
N VAL B 237 -17.38 27.52 -0.48
CA VAL B 237 -17.17 28.01 -1.87
C VAL B 237 -18.07 29.21 -2.16
N PRO B 238 -17.49 30.40 -2.43
CA PRO B 238 -18.27 31.55 -2.87
C PRO B 238 -19.04 31.20 -4.15
N GLU B 239 -20.28 31.70 -4.23
CA GLU B 239 -21.14 31.61 -5.44
C GLU B 239 -20.31 32.02 -6.65
N ASP B 240 -20.51 31.33 -7.78
CA ASP B 240 -19.87 31.67 -9.09
C ASP B 240 -18.35 31.42 -9.04
N THR B 241 -17.89 30.49 -8.19
CA THR B 241 -16.50 29.96 -8.28
C THR B 241 -16.43 28.91 -9.41
N ASP B 242 -15.40 28.99 -10.25
CA ASP B 242 -15.07 27.98 -11.29
C ASP B 242 -14.80 26.62 -10.60
N LEU B 243 -15.69 25.65 -10.80
CA LEU B 243 -15.60 24.31 -10.17
C LEU B 243 -14.45 23.49 -10.78
N THR B 244 -13.84 23.96 -11.87
CA THR B 244 -12.67 23.31 -12.49
C THR B 244 -11.38 23.94 -11.97
N ASP B 245 -11.47 24.93 -11.07
CA ASP B 245 -10.25 25.46 -10.38
C ASP B 245 -9.51 24.26 -9.77
N LEU B 246 -8.19 24.17 -10.00
CA LEU B 246 -7.37 22.98 -9.61
C LEU B 246 -7.25 22.88 -8.08
N ARG B 247 -7.53 23.97 -7.36
CA ARG B 247 -7.58 24.01 -5.88
C ARG B 247 -8.86 23.37 -5.34
N LEU B 248 -9.93 23.29 -6.15
CA LEU B 248 -11.18 22.55 -5.81
C LEU B 248 -11.19 21.17 -6.47
N SER B 249 -10.50 21.04 -7.60
CA SER B 249 -10.64 19.89 -8.51
C SER B 249 -9.27 19.47 -9.02
N PRO B 250 -8.34 19.07 -8.11
CA PRO B 250 -6.99 18.70 -8.53
C PRO B 250 -6.95 17.47 -9.45
N LEU B 251 -8.00 16.64 -9.47
CA LEU B 251 -8.12 15.51 -10.43
C LEU B 251 -8.00 16.03 -11.87
N LEU B 252 -8.37 17.29 -12.15
CA LEU B 252 -8.43 17.82 -13.55
C LEU B 252 -7.08 18.36 -14.02
N ALA B 253 -6.02 18.27 -13.21
CA ALA B 253 -4.66 18.65 -13.63
C ALA B 253 -4.35 17.95 -14.97
N THR B 254 -3.78 18.68 -15.92
CA THR B 254 -3.43 18.16 -17.27
C THR B 254 -2.15 17.32 -17.14
N ASP B 255 -1.26 17.70 -16.22
CA ASP B 255 0.07 17.07 -16.04
C ASP B 255 0.20 16.59 -14.59
N PHE B 256 0.42 15.28 -14.40
CA PHE B 256 0.68 14.68 -13.05
C PHE B 256 2.17 14.35 -12.88
N THR B 257 3.02 14.64 -13.87
CA THR B 257 4.48 14.32 -13.80
C THR B 257 5.13 15.27 -12.79
N GLY B 258 6.16 14.81 -12.08
CA GLY B 258 6.91 15.61 -11.09
C GLY B 258 6.18 15.73 -9.76
N LEU B 259 5.02 15.09 -9.59
CA LEU B 259 4.31 15.05 -8.29
C LEU B 259 4.98 14.00 -7.42
N PRO B 260 5.00 14.19 -6.09
CA PRO B 260 5.74 13.28 -5.22
C PRO B 260 5.05 11.92 -5.10
N PRO B 261 5.84 10.88 -4.72
CA PRO B 261 5.31 9.56 -4.42
C PRO B 261 4.13 9.63 -3.44
N ALA B 262 3.15 8.76 -3.64
CA ALA B 262 1.81 8.94 -3.02
C ALA B 262 1.32 7.63 -2.41
N PHE B 263 0.53 7.78 -1.36
CA PHE B 263 -0.37 6.75 -0.78
C PHE B 263 -1.78 7.30 -0.91
N VAL B 264 -2.68 6.55 -1.54
CA VAL B 264 -4.09 6.99 -1.74
C VAL B 264 -5.01 5.90 -1.20
N LEU B 265 -5.83 6.26 -0.23
CA LEU B 265 -6.75 5.33 0.46
C LEU B 265 -8.18 5.77 0.16
N THR B 266 -9.03 4.82 -0.21
CA THR B 266 -10.49 5.03 -0.35
C THR B 266 -11.22 4.10 0.61
N ALA B 267 -12.43 4.49 1.01
CA ALA B 267 -13.42 3.64 1.69
C ALA B 267 -14.46 3.18 0.67
N GLY B 268 -14.90 1.93 0.78
CA GLY B 268 -15.82 1.28 -0.18
C GLY B 268 -17.15 1.99 -0.32
N TYR B 269 -17.73 2.45 0.79
CA TYR B 269 -19.10 3.06 0.84
C TYR B 269 -18.97 4.57 1.04
N ASP B 270 -18.03 5.17 0.31
CA ASP B 270 -17.71 6.61 0.40
C ASP B 270 -18.04 7.24 -0.95
N PRO B 271 -18.87 8.31 -1.01
CA PRO B 271 -19.10 9.01 -2.27
C PRO B 271 -17.81 9.46 -2.97
N LEU B 272 -16.75 9.73 -2.19
CA LEU B 272 -15.44 10.19 -2.73
C LEU B 272 -14.60 9.04 -3.27
N ARG B 273 -15.06 7.80 -3.18
CA ARG B 273 -14.22 6.62 -3.53
C ARG B 273 -13.70 6.75 -4.97
N ASP B 274 -14.58 6.96 -5.94
CA ASP B 274 -14.25 6.87 -7.38
C ASP B 274 -13.21 7.94 -7.75
N GLU B 275 -13.38 9.17 -7.26
CA GLU B 275 -12.47 10.28 -7.61
C GLU B 275 -11.15 10.13 -6.84
N GLY B 276 -11.17 9.49 -5.67
CA GLY B 276 -9.94 9.10 -4.95
C GLY B 276 -9.13 8.12 -5.78
N ARG B 277 -9.78 7.08 -6.26
CA ARG B 277 -9.14 6.03 -7.08
C ARG B 277 -8.67 6.60 -8.42
N ALA B 278 -9.47 7.46 -9.04
CA ALA B 278 -9.11 8.15 -10.30
C ALA B 278 -7.81 8.94 -10.07
N TYR B 279 -7.65 9.58 -8.92
CA TYR B 279 -6.44 10.41 -8.65
C TYR B 279 -5.22 9.49 -8.61
N ALA B 280 -5.34 8.34 -7.95
CA ALA B 280 -4.28 7.31 -7.89
C ALA B 280 -3.96 6.84 -9.32
N ASP B 281 -4.99 6.61 -10.14
CA ASP B 281 -4.83 6.17 -11.56
C ASP B 281 -3.99 7.22 -12.30
N ARG B 282 -4.33 8.50 -12.17
CA ARG B 282 -3.58 9.58 -12.86
C ARG B 282 -2.11 9.53 -12.41
N LEU B 283 -1.86 9.33 -11.12
CA LEU B 283 -0.48 9.29 -10.58
C LEU B 283 0.28 8.10 -11.18
N ILE B 284 -0.35 6.93 -11.21
CA ILE B 284 0.27 5.68 -11.74
C ILE B 284 0.61 5.88 -13.22
N GLU B 285 -0.34 6.37 -14.03
CA GLU B 285 -0.16 6.56 -15.49
C GLU B 285 0.96 7.58 -15.74
N ALA B 286 1.17 8.55 -14.85
CA ALA B 286 2.20 9.60 -15.02
C ALA B 286 3.57 9.10 -14.58
N GLY B 287 3.67 7.86 -14.07
CA GLY B 287 4.94 7.25 -13.66
C GLY B 287 5.36 7.69 -12.27
N ILE B 288 4.41 8.09 -11.42
CA ILE B 288 4.66 8.43 -9.99
C ILE B 288 4.55 7.14 -9.19
N LYS B 289 5.51 6.89 -8.29
CA LYS B 289 5.45 5.76 -7.34
C LYS B 289 4.19 5.97 -6.49
N THR B 290 3.24 5.05 -6.58
CA THR B 290 1.87 5.24 -6.02
C THR B 290 1.43 3.94 -5.36
N THR B 291 0.96 4.05 -4.12
CA THR B 291 0.24 2.97 -3.39
C THR B 291 -1.22 3.38 -3.32
N TYR B 292 -2.11 2.54 -3.85
CA TYR B 292 -3.58 2.72 -3.76
C TYR B 292 -4.13 1.60 -2.89
N VAL B 293 -4.99 1.90 -1.92
CA VAL B 293 -5.68 0.84 -1.14
C VAL B 293 -7.16 1.20 -1.06
N ASN B 294 -8.03 0.21 -1.24
CA ASN B 294 -9.47 0.38 -0.96
C ASN B 294 -9.85 -0.49 0.24
N TYR B 295 -10.48 0.15 1.22
CA TYR B 295 -11.06 -0.50 2.42
C TYR B 295 -12.55 -0.70 2.17
N PRO B 296 -12.96 -1.87 1.64
CA PRO B 296 -14.36 -2.10 1.33
C PRO B 296 -15.17 -2.21 2.63
N GLY B 297 -16.46 -1.92 2.59
CA GLY B 297 -17.35 -2.22 3.73
C GLY B 297 -17.23 -1.21 4.86
N THR B 298 -16.55 -0.09 4.62
CA THR B 298 -16.43 1.01 5.61
C THR B 298 -16.79 2.32 4.92
N ILE B 299 -16.91 3.36 5.72
CA ILE B 299 -17.53 4.66 5.34
C ILE B 299 -16.46 5.74 5.36
N HIS B 300 -16.74 6.84 4.69
CA HIS B 300 -16.00 8.11 4.87
C HIS B 300 -15.89 8.46 6.36
N GLY B 301 -14.70 8.80 6.85
CA GLY B 301 -14.47 9.17 8.26
C GLY B 301 -13.84 8.06 9.09
N PHE B 302 -13.77 6.83 8.59
CA PHE B 302 -13.40 5.65 9.42
C PHE B 302 -11.96 5.79 9.95
N PHE B 303 -11.12 6.55 9.24
CA PHE B 303 -9.68 6.74 9.56
C PHE B 303 -9.53 7.42 10.93
N SER B 304 -10.52 8.22 11.33
CA SER B 304 -10.49 8.98 12.60
C SER B 304 -11.60 8.54 13.57
N LEU B 305 -12.56 7.70 13.15
CA LEU B 305 -13.64 7.16 14.04
C LEU B 305 -13.21 5.84 14.69
N THR B 306 -12.01 5.82 15.25
CA THR B 306 -11.31 4.57 15.61
C THR B 306 -11.75 4.05 16.99
N ARG B 307 -12.56 4.80 17.75
CA ARG B 307 -13.26 4.25 18.93
C ARG B 307 -14.25 3.16 18.48
N PHE B 308 -14.88 3.32 17.32
CA PHE B 308 -16.00 2.47 16.84
C PHE B 308 -15.53 1.51 15.75
N LEU B 309 -14.59 1.94 14.91
CA LEU B 309 -14.17 1.21 13.69
C LEU B 309 -12.69 0.81 13.80
N SER B 310 -12.44 -0.45 14.15
CA SER B 310 -11.12 -1.14 14.12
C SER B 310 -10.44 -0.96 12.75
N GLN B 311 -11.22 -0.99 11.67
CA GLN B 311 -10.70 -0.83 10.29
C GLN B 311 -9.90 0.47 10.22
N GLY B 312 -10.31 1.48 10.99
CA GLY B 312 -9.64 2.79 11.00
C GLY B 312 -8.23 2.68 11.56
N LEU B 313 -8.05 1.87 12.60
CA LEU B 313 -6.75 1.63 13.25
C LEU B 313 -5.85 0.87 12.26
N LYS B 314 -6.45 -0.04 11.48
CA LYS B 314 -5.73 -0.81 10.43
C LYS B 314 -5.28 0.15 9.33
N ALA B 315 -6.17 1.05 8.92
CA ALA B 315 -5.89 2.09 7.90
C ALA B 315 -4.79 3.02 8.42
N ASN B 316 -4.90 3.46 9.69
CA ASN B 316 -3.88 4.30 10.35
C ASN B 316 -2.52 3.62 10.18
N ASP B 317 -2.43 2.34 10.54
CA ASP B 317 -1.16 1.57 10.58
C ASP B 317 -0.65 1.33 9.17
N GLU B 318 -1.55 1.12 8.20
CA GLU B 318 -1.13 0.92 6.80
C GLU B 318 -0.56 2.23 6.27
N ALA B 319 -1.29 3.35 6.38
CA ALA B 319 -0.79 4.67 5.96
C ALA B 319 0.59 4.93 6.59
N ALA B 320 0.72 4.75 7.90
CA ALA B 320 1.97 5.01 8.68
C ALA B 320 3.10 4.12 8.17
N ALA B 321 2.83 2.83 7.99
CA ALA B 321 3.83 1.82 7.63
C ALA B 321 4.36 2.10 6.21
N VAL B 322 3.47 2.47 5.29
CA VAL B 322 3.88 2.79 3.88
C VAL B 322 4.73 4.06 3.86
N MET B 323 4.34 5.08 4.61
CA MET B 323 5.15 6.32 4.66
C MET B 323 6.51 6.00 5.29
N GLY B 324 6.50 5.29 6.42
CA GLY B 324 7.71 4.83 7.12
C GLY B 324 8.64 4.08 6.18
N ALA B 325 8.08 3.20 5.33
CA ALA B 325 8.89 2.38 4.41
C ALA B 325 9.52 3.29 3.35
N HIS B 326 8.76 4.26 2.86
CA HIS B 326 9.26 5.18 1.81
C HIS B 326 10.45 5.98 2.36
N PHE B 327 10.39 6.32 3.64
CA PHE B 327 11.39 7.18 4.33
C PHE B 327 12.48 6.33 5.00
N GLY B 328 12.43 5.00 4.89
CA GLY B 328 13.43 4.10 5.46
C GLY B 328 13.53 4.23 6.97
N THR B 329 12.40 4.40 7.66
CA THR B 329 12.35 4.47 9.14
C THR B 329 12.37 3.04 9.71
#